data_3BWT
#
_entry.id   3BWT
#
_cell.length_a   54.188
_cell.length_b   137.657
_cell.length_c   137.542
_cell.angle_alpha   90.00
_cell.angle_beta   90.00
_cell.angle_gamma   90.00
#
_symmetry.space_group_name_H-M   'C 2 2 21'
#
loop_
_entity.id
_entity.type
_entity.pdbx_description
1 polymer 'Protein PUF4'
2 water water
#
_entity_poly.entity_id   1
_entity_poly.type   'polypeptide(L)'
_entity_poly.pdbx_seq_one_letter_code
;SRFADAVLDQYIGSIHSLCKDQHGCRFLQKQLDILGSKAADAIFEETKDYTVELMTDSFGNYLIQKLLEEVTTEQRIVLT
KISSPHFVEISLNPHGTRALQKLIECIKTDEEAQIVVDSLRPYTVQLSKDLNGNHVIQKCLQRLKPENFQFIFDAISDSC
IDIATHRHGCCVLQRCLDHGTTEQCDNLCDKLLALVDKLTLDPFGNYVVQYIITKEAEKNKYDYTHKIVHLLKPRAIELS
IHKFGSNVIEKILKTAIVSEPMILEILNNGGETGIQSLLNDSYGNYVLQTALDISHKQNDYLYKRLSEIVAPLLVGPIRN
TPHGKRIIGMLHL
;
_entity_poly.pdbx_strand_id   A
#
# COMPACT_ATOMS: atom_id res chain seq x y z
N SER A 1 22.13 4.44 33.96
CA SER A 1 22.71 3.22 33.43
C SER A 1 24.25 3.29 33.40
N ARG A 2 24.86 2.31 32.75
CA ARG A 2 26.31 2.24 32.65
C ARG A 2 26.94 3.43 31.91
N PHE A 3 26.17 4.07 31.04
CA PHE A 3 26.74 5.05 30.13
C PHE A 3 26.32 6.47 30.45
N ALA A 4 25.67 6.66 31.61
CA ALA A 4 25.15 7.98 31.97
C ALA A 4 26.27 9.00 32.17
N ASP A 5 27.36 8.56 32.77
CA ASP A 5 28.51 9.42 33.00
C ASP A 5 29.71 8.91 32.24
N ALA A 6 29.50 8.44 31.01
CA ALA A 6 30.60 7.95 30.20
C ALA A 6 30.82 8.85 29.00
N VAL A 7 31.90 8.59 28.27
CA VAL A 7 32.38 9.50 27.25
C VAL A 7 32.85 8.74 26.01
N LEU A 8 32.51 9.24 24.84
CA LEU A 8 32.86 8.58 23.60
C LEU A 8 34.32 8.13 23.62
N ASP A 9 35.20 9.02 24.06
CA ASP A 9 36.63 8.78 23.93
C ASP A 9 37.14 7.55 24.68
N GLN A 10 36.40 7.10 25.69
CA GLN A 10 36.83 5.93 26.43
C GLN A 10 36.48 4.65 25.71
N TYR A 11 35.73 4.76 24.61
CA TYR A 11 35.28 3.55 23.92
C TYR A 11 35.98 3.35 22.58
N ILE A 12 36.77 4.34 22.19
CA ILE A 12 37.51 4.27 20.95
C ILE A 12 38.30 2.98 20.89
N GLY A 13 38.08 2.22 19.82
CA GLY A 13 38.72 0.93 19.66
C GLY A 13 37.87 -0.20 20.23
N SER A 14 36.71 0.15 20.77
CA SER A 14 35.84 -0.83 21.39
C SER A 14 34.37 -0.51 21.10
N ILE A 15 34.16 0.40 20.17
CA ILE A 15 32.82 0.86 19.81
C ILE A 15 31.90 -0.27 19.35
N HIS A 16 32.43 -1.18 18.55
CA HIS A 16 31.60 -2.26 18.03
C HIS A 16 31.03 -3.10 19.16
N SER A 17 31.82 -3.30 20.21
CA SER A 17 31.36 -4.14 21.32
C SER A 17 30.12 -3.55 21.99
N LEU A 18 29.93 -2.23 21.83
CA LEU A 18 28.77 -1.57 22.42
C LEU A 18 27.53 -1.77 21.57
N CYS A 19 27.72 -2.20 20.32
CA CYS A 19 26.64 -2.20 19.34
C CYS A 19 25.74 -3.43 19.46
N LYS A 20 26.11 -4.30 20.40
CA LYS A 20 25.27 -5.40 20.85
C LYS A 20 24.11 -4.86 21.69
N ASP A 21 24.48 -4.34 22.86
CA ASP A 21 23.56 -3.77 23.83
C ASP A 21 22.58 -2.76 23.30
N GLN A 22 21.41 -2.76 23.90
CA GLN A 22 20.42 -1.72 23.68
C GLN A 22 20.94 -0.43 24.25
N HIS A 23 21.56 -0.54 25.42
CA HIS A 23 22.03 0.63 26.16
C HIS A 23 23.29 1.21 25.52
N GLY A 24 24.18 0.33 25.06
CA GLY A 24 25.35 0.75 24.30
C GLY A 24 24.94 1.46 23.04
N CYS A 25 24.00 0.87 22.31
CA CYS A 25 23.48 1.50 21.10
C CYS A 25 22.89 2.87 21.37
N ARG A 26 22.09 2.98 22.43
CA ARG A 26 21.44 4.24 22.72
C ARG A 26 22.46 5.29 23.13
N PHE A 27 23.47 4.85 23.88
CA PHE A 27 24.61 5.69 24.21
C PHE A 27 25.22 6.28 22.93
N LEU A 28 25.55 5.40 21.98
CA LEU A 28 26.15 5.82 20.73
C LEU A 28 25.25 6.75 19.95
N GLN A 29 23.96 6.42 19.89
CA GLN A 29 23.02 7.23 19.16
C GLN A 29 22.97 8.62 19.76
N LYS A 30 23.13 8.67 21.08
CA LYS A 30 23.16 9.94 21.80
C LYS A 30 24.33 10.74 21.27
N GLN A 31 25.52 10.18 21.41
CA GLN A 31 26.75 10.78 20.92
C GLN A 31 26.64 11.26 19.48
N LEU A 32 26.02 10.46 18.62
CA LEU A 32 25.81 10.87 17.24
C LEU A 32 24.96 12.14 17.19
N ASP A 33 23.96 12.20 18.06
CA ASP A 33 23.01 13.30 18.05
C ASP A 33 23.64 14.61 18.52
N ILE A 34 24.71 14.53 19.29
CA ILE A 34 25.25 15.75 19.89
C ILE A 34 26.68 16.16 19.49
N LEU A 35 27.50 15.25 18.98
CA LEU A 35 28.91 15.57 18.72
C LEU A 35 29.20 16.44 17.49
N GLY A 36 28.75 16.05 16.29
CA GLY A 36 28.33 14.71 15.98
C GLY A 36 29.40 14.20 15.04
N SER A 37 29.87 15.07 14.15
CA SER A 37 30.89 14.70 13.18
C SER A 37 31.98 13.75 13.73
N LYS A 38 32.59 14.11 14.85
CA LYS A 38 33.61 13.22 15.41
C LYS A 38 33.00 11.89 15.82
N ALA A 39 31.77 11.93 16.31
CA ALA A 39 31.06 10.71 16.68
C ALA A 39 30.79 9.86 15.44
N ALA A 40 30.29 10.50 14.38
CA ALA A 40 30.02 9.81 13.11
C ALA A 40 31.27 9.15 12.54
N ASP A 41 32.40 9.84 12.62
CA ASP A 41 33.65 9.31 12.10
C ASP A 41 34.08 8.07 12.88
N ALA A 42 34.15 8.23 14.19
CA ALA A 42 34.61 7.17 15.07
C ALA A 42 33.73 5.95 14.91
N ILE A 43 32.43 6.19 14.89
CA ILE A 43 31.47 5.10 14.82
C ILE A 43 31.44 4.49 13.43
N PHE A 44 31.57 5.32 12.40
CA PHE A 44 31.67 4.82 11.03
C PHE A 44 32.89 3.91 10.88
N GLU A 45 34.03 4.35 11.36
CA GLU A 45 35.25 3.56 11.19
C GLU A 45 35.18 2.20 11.90
N GLU A 46 34.55 2.15 13.07
CA GLU A 46 34.51 0.92 13.84
C GLU A 46 33.33 0.00 13.55
N THR A 47 32.34 0.46 12.79
CA THR A 47 31.18 -0.37 12.46
C THR A 47 30.98 -0.62 10.97
N LYS A 48 31.73 0.06 10.11
CA LYS A 48 31.54 -0.11 8.68
C LYS A 48 31.63 -1.56 8.20
N ASP A 49 32.55 -2.33 8.77
CA ASP A 49 32.76 -3.67 8.31
C ASP A 49 31.62 -4.60 8.71
N TYR A 50 30.79 -4.13 9.62
CA TYR A 50 29.74 -4.97 10.18
C TYR A 50 28.35 -4.37 9.93
N THR A 51 28.23 -3.52 8.92
CA THR A 51 26.96 -2.82 8.73
C THR A 51 25.81 -3.81 8.55
N VAL A 52 26.01 -4.85 7.75
CA VAL A 52 24.94 -5.81 7.48
C VAL A 52 24.45 -6.44 8.78
N GLU A 53 25.38 -6.78 9.64
CA GLU A 53 25.02 -7.45 10.84
C GLU A 53 24.45 -6.55 11.87
N LEU A 54 24.78 -5.29 11.82
CA LEU A 54 24.17 -4.32 12.71
C LEU A 54 22.83 -3.84 12.16
N MET A 55 22.65 -3.95 10.85
CA MET A 55 21.40 -3.52 10.21
C MET A 55 20.28 -4.48 10.53
N THR A 56 20.63 -5.76 10.62
CA THR A 56 19.65 -6.81 10.84
C THR A 56 19.60 -7.17 12.33
N ASP A 57 20.14 -6.28 13.15
CA ASP A 57 20.18 -6.52 14.59
C ASP A 57 19.08 -5.72 15.28
N SER A 58 18.56 -6.26 16.37
CA SER A 58 17.37 -5.67 16.97
C SER A 58 17.59 -4.27 17.54
N PHE A 59 18.80 -3.99 18.04
CA PHE A 59 19.16 -2.67 18.55
C PHE A 59 20.10 -1.94 17.60
N GLY A 60 20.98 -2.71 16.96
CA GLY A 60 21.98 -2.17 16.06
C GLY A 60 21.37 -1.44 14.89
N ASN A 61 20.24 -1.94 14.40
CA ASN A 61 19.61 -1.30 13.26
C ASN A 61 19.32 0.18 13.54
N TYR A 62 18.93 0.50 14.76
CA TYR A 62 18.55 1.89 15.10
C TYR A 62 19.77 2.80 15.10
N LEU A 63 20.89 2.24 15.51
CA LEU A 63 22.18 2.91 15.47
C LEU A 63 22.56 3.26 14.02
N ILE A 64 22.56 2.25 13.16
CA ILE A 64 22.90 2.50 11.75
C ILE A 64 21.96 3.55 11.13
N GLN A 65 20.69 3.51 11.50
CA GLN A 65 19.72 4.50 11.05
C GLN A 65 20.17 5.89 11.47
N LYS A 66 20.61 6.00 12.73
CA LYS A 66 21.06 7.26 13.27
C LYS A 66 22.36 7.64 12.57
N LEU A 67 23.25 6.66 12.41
CA LEU A 67 24.53 6.85 11.76
C LEU A 67 24.36 7.36 10.34
N LEU A 68 23.40 6.78 9.62
CA LEU A 68 23.12 7.20 8.25
C LEU A 68 22.76 8.68 8.13
N GLU A 69 21.98 9.21 9.08
CA GLU A 69 21.62 10.62 9.03
C GLU A 69 22.84 11.51 9.22
N GLU A 70 23.74 11.09 10.10
CA GLU A 70 24.75 11.98 10.65
C GLU A 70 26.09 11.93 9.93
N VAL A 71 26.25 10.88 9.12
CA VAL A 71 27.49 10.56 8.42
C VAL A 71 27.62 11.43 7.15
N THR A 72 28.82 11.58 6.59
CA THR A 72 28.96 12.42 5.38
C THR A 72 28.51 11.65 4.16
N THR A 73 28.48 12.32 3.02
CA THR A 73 28.12 11.63 1.80
C THR A 73 29.16 10.58 1.41
N GLU A 74 30.43 10.89 1.64
CA GLU A 74 31.48 9.94 1.34
C GLU A 74 31.25 8.68 2.16
N GLN A 75 31.01 8.86 3.45
CA GLN A 75 30.85 7.72 4.34
C GLN A 75 29.58 6.95 4.00
N ARG A 76 28.50 7.69 3.75
CA ARG A 76 27.24 7.07 3.40
C ARG A 76 27.39 6.17 2.19
N ILE A 77 28.15 6.63 1.21
CA ILE A 77 28.37 5.85 -0.01
C ILE A 77 29.11 4.55 0.26
N VAL A 78 29.97 4.56 1.27
CA VAL A 78 30.70 3.36 1.64
C VAL A 78 29.77 2.37 2.32
N LEU A 79 28.94 2.86 3.23
CA LEU A 79 27.96 2.01 3.89
C LEU A 79 27.04 1.38 2.86
N THR A 80 26.68 2.16 1.84
CA THR A 80 25.81 1.65 0.78
C THR A 80 26.53 0.56 0.00
N LYS A 81 27.80 0.79 -0.32
CA LYS A 81 28.54 -0.19 -1.14
C LYS A 81 28.74 -1.52 -0.42
N ILE A 82 28.98 -1.46 0.89
CA ILE A 82 29.24 -2.65 1.67
C ILE A 82 27.97 -3.46 1.85
N SER A 83 26.86 -2.77 2.10
CA SER A 83 25.60 -3.45 2.37
C SER A 83 24.88 -3.92 1.10
N SER A 84 25.12 -3.25 -0.01
CA SER A 84 24.33 -3.45 -1.24
C SER A 84 24.23 -4.90 -1.73
N PRO A 85 25.31 -5.68 -1.62
CA PRO A 85 25.24 -7.09 -2.03
C PRO A 85 24.36 -7.96 -1.10
N HIS A 86 23.91 -7.38 0.00
CA HIS A 86 23.16 -8.16 0.97
C HIS A 86 21.77 -7.59 1.19
N PHE A 87 21.27 -6.86 0.20
CA PHE A 87 20.00 -6.18 0.34
C PHE A 87 18.84 -7.14 0.56
N VAL A 88 18.88 -8.31 -0.08
CA VAL A 88 17.82 -9.29 0.11
C VAL A 88 17.77 -9.75 1.55
N GLU A 89 18.93 -10.14 2.07
CA GLU A 89 19.03 -10.58 3.44
C GLU A 89 18.51 -9.50 4.38
N ILE A 90 18.91 -8.27 4.11
CA ILE A 90 18.55 -7.14 4.97
C ILE A 90 17.07 -6.82 4.88
N SER A 91 16.51 -6.88 3.67
CA SER A 91 15.11 -6.57 3.44
C SER A 91 14.15 -7.59 4.03
N LEU A 92 14.59 -8.83 4.17
CA LEU A 92 13.73 -9.87 4.71
C LEU A 92 13.64 -9.77 6.24
N ASN A 93 14.62 -9.11 6.83
CA ASN A 93 14.72 -8.95 8.28
C ASN A 93 13.86 -7.80 8.79
N PRO A 94 13.16 -8.01 9.91
CA PRO A 94 12.25 -7.00 10.43
C PRO A 94 12.98 -5.68 10.71
N HIS A 95 14.25 -5.77 11.09
CA HIS A 95 15.07 -4.60 11.40
C HIS A 95 15.83 -4.10 10.18
N GLY A 96 16.53 -5.01 9.51
CA GLY A 96 17.13 -4.73 8.23
C GLY A 96 16.25 -3.88 7.31
N THR A 97 14.97 -4.23 7.20
CA THR A 97 14.07 -3.46 6.36
C THR A 97 13.91 -2.02 6.86
N ARG A 98 14.02 -1.80 8.17
CA ARG A 98 13.88 -0.43 8.67
C ARG A 98 15.17 0.36 8.45
N ALA A 99 16.31 -0.31 8.64
CA ALA A 99 17.59 0.33 8.41
C ALA A 99 17.73 0.68 6.93
N LEU A 100 17.25 -0.20 6.05
CA LEU A 100 17.44 -0.03 4.62
C LEU A 100 16.49 1.01 4.04
N GLN A 101 15.35 1.19 4.70
CA GLN A 101 14.43 2.26 4.32
C GLN A 101 15.06 3.61 4.66
N LYS A 102 15.71 3.69 5.81
CA LYS A 102 16.40 4.92 6.20
C LYS A 102 17.53 5.27 5.24
N LEU A 103 18.31 4.26 4.86
CA LEU A 103 19.37 4.45 3.89
C LEU A 103 18.81 5.12 2.63
N ILE A 104 17.73 4.56 2.10
CA ILE A 104 17.07 5.11 0.92
C ILE A 104 16.59 6.55 1.15
N GLU A 105 16.03 6.82 2.32
CA GLU A 105 15.59 8.16 2.66
C GLU A 105 16.75 9.14 2.68
N CYS A 106 17.94 8.62 2.99
CA CYS A 106 19.10 9.47 3.24
C CYS A 106 19.94 9.79 2.00
N ILE A 107 19.82 9.00 0.95
CA ILE A 107 20.72 9.16 -0.18
C ILE A 107 20.44 10.45 -0.94
N LYS A 108 21.52 11.15 -1.25
CA LYS A 108 21.43 12.42 -1.94
C LYS A 108 21.91 12.29 -3.40
N THR A 109 22.99 11.55 -3.63
CA THR A 109 23.61 11.44 -4.95
C THR A 109 22.86 10.49 -5.88
N ASP A 110 23.23 10.51 -7.16
CA ASP A 110 22.58 9.65 -8.14
C ASP A 110 23.39 8.37 -8.29
N GLU A 111 24.66 8.43 -7.92
CA GLU A 111 25.49 7.24 -7.86
C GLU A 111 24.94 6.30 -6.79
N GLU A 112 24.48 6.90 -5.70
CA GLU A 112 23.88 6.18 -4.60
C GLU A 112 22.59 5.51 -5.03
N ALA A 113 21.85 6.17 -5.91
CA ALA A 113 20.56 5.65 -6.36
C ALA A 113 20.79 4.52 -7.35
N GLN A 114 21.80 4.68 -8.18
CA GLN A 114 22.12 3.63 -9.14
C GLN A 114 22.57 2.36 -8.45
N ILE A 115 23.38 2.50 -7.39
CA ILE A 115 23.78 1.35 -6.58
C ILE A 115 22.57 0.66 -5.93
N VAL A 116 21.59 1.44 -5.52
CA VAL A 116 20.41 0.85 -4.91
C VAL A 116 19.53 0.15 -5.94
N VAL A 117 19.18 0.81 -7.04
CA VAL A 117 18.39 0.14 -8.07
C VAL A 117 19.12 -1.10 -8.58
N ASP A 118 20.42 -0.96 -8.83
CA ASP A 118 21.19 -2.09 -9.34
C ASP A 118 21.09 -3.26 -8.38
N SER A 119 21.07 -2.95 -7.09
CA SER A 119 21.12 -3.97 -6.04
C SER A 119 19.76 -4.61 -5.78
N LEU A 120 18.69 -3.85 -5.97
CA LEU A 120 17.34 -4.33 -5.72
C LEU A 120 16.72 -4.98 -6.94
N ARG A 121 16.98 -4.40 -8.10
CA ARG A 121 16.32 -4.79 -9.34
C ARG A 121 16.15 -6.31 -9.49
N PRO A 122 17.24 -7.05 -9.38
CA PRO A 122 17.14 -8.51 -9.58
C PRO A 122 16.08 -9.17 -8.70
N TYR A 123 15.67 -8.53 -7.62
CA TYR A 123 14.85 -9.20 -6.61
C TYR A 123 13.49 -8.54 -6.39
N THR A 124 13.05 -7.73 -7.32
CA THR A 124 11.88 -6.88 -7.10
C THR A 124 10.59 -7.62 -6.73
N VAL A 125 10.26 -8.70 -7.42
CA VAL A 125 9.04 -9.44 -7.10
C VAL A 125 9.14 -10.05 -5.70
N GLN A 126 10.24 -10.77 -5.46
CA GLN A 126 10.46 -11.42 -4.18
C GLN A 126 10.22 -10.46 -3.02
N LEU A 127 10.80 -9.26 -3.12
CA LEU A 127 10.70 -8.27 -2.06
C LEU A 127 9.33 -7.63 -2.03
N SER A 128 8.76 -7.33 -3.20
CA SER A 128 7.38 -6.87 -3.26
C SER A 128 6.44 -7.83 -2.53
N LYS A 129 6.75 -9.12 -2.61
CA LYS A 129 5.87 -10.13 -2.02
C LYS A 129 6.20 -10.43 -0.57
N ASP A 130 7.25 -9.84 -0.04
CA ASP A 130 7.68 -10.17 1.31
C ASP A 130 7.13 -9.21 2.39
N LEU A 131 6.72 -9.79 3.52
CA LEU A 131 6.19 -9.05 4.66
C LEU A 131 7.07 -7.89 5.11
N ASN A 132 8.38 -8.08 5.05
CA ASN A 132 9.32 -7.01 5.39
C ASN A 132 9.86 -6.30 4.14
N GLY A 133 10.05 -7.06 3.07
CA GLY A 133 10.68 -6.56 1.88
C GLY A 133 9.88 -5.52 1.13
N ASN A 134 8.55 -5.64 1.18
CA ASN A 134 7.68 -4.78 0.40
C ASN A 134 7.84 -3.32 0.79
N HIS A 135 8.23 -3.08 2.03
CA HIS A 135 8.43 -1.72 2.50
C HIS A 135 9.68 -1.06 1.91
N VAL A 136 10.73 -1.84 1.68
CA VAL A 136 11.91 -1.28 1.07
C VAL A 136 11.53 -0.84 -0.33
N ILE A 137 10.82 -1.72 -1.03
CA ILE A 137 10.33 -1.41 -2.38
C ILE A 137 9.45 -0.16 -2.43
N GLN A 138 8.54 -0.01 -1.46
CA GLN A 138 7.69 1.18 -1.42
C GLN A 138 8.50 2.45 -1.15
N LYS A 139 9.51 2.35 -0.31
CA LYS A 139 10.34 3.51 0.02
C LYS A 139 10.97 4.04 -1.26
N CYS A 140 11.35 3.12 -2.13
CA CYS A 140 11.98 3.49 -3.38
C CYS A 140 11.07 4.40 -4.16
N LEU A 141 9.79 4.06 -4.19
CA LEU A 141 8.79 4.85 -4.89
C LEU A 141 8.55 6.18 -4.19
N GLN A 142 8.56 6.17 -2.86
CA GLN A 142 8.33 7.41 -2.12
C GLN A 142 9.51 8.39 -2.23
N ARG A 143 10.70 7.90 -2.55
CA ARG A 143 11.92 8.71 -2.41
C ARG A 143 12.68 8.98 -3.70
N LEU A 144 12.69 8.03 -4.63
CA LEU A 144 13.51 8.15 -5.83
C LEU A 144 12.78 8.86 -6.96
N LYS A 145 13.56 9.31 -7.94
CA LYS A 145 12.99 9.86 -9.15
C LYS A 145 12.36 8.74 -9.96
N PRO A 146 11.25 9.03 -10.65
CA PRO A 146 10.56 8.05 -11.46
C PRO A 146 11.48 7.26 -12.39
N GLU A 147 12.56 7.90 -12.85
CA GLU A 147 13.48 7.23 -13.76
C GLU A 147 14.25 6.14 -13.02
N ASN A 148 14.47 6.39 -11.72
CA ASN A 148 15.17 5.44 -10.86
C ASN A 148 14.27 4.35 -10.31
N PHE A 149 12.98 4.63 -10.18
CA PHE A 149 12.07 3.58 -9.70
C PHE A 149 11.28 2.88 -10.81
N GLN A 150 11.64 3.17 -12.06
CA GLN A 150 11.10 2.47 -13.21
C GLN A 150 11.17 0.95 -13.09
N PHE A 151 12.30 0.44 -12.59
CA PHE A 151 12.51 -1.00 -12.53
C PHE A 151 11.38 -1.71 -11.81
N ILE A 152 10.76 -1.01 -10.86
CA ILE A 152 9.67 -1.58 -10.10
C ILE A 152 8.44 -1.76 -10.98
N PHE A 153 8.14 -0.73 -11.77
CA PHE A 153 7.05 -0.82 -12.75
C PHE A 153 7.33 -1.89 -13.78
N ASP A 154 8.58 -2.01 -14.20
CA ASP A 154 8.95 -3.02 -15.18
C ASP A 154 8.73 -4.43 -14.63
N ALA A 155 9.24 -4.67 -13.42
CA ALA A 155 9.12 -5.98 -12.80
C ALA A 155 7.66 -6.35 -12.57
N ILE A 156 6.86 -5.35 -12.19
CA ILE A 156 5.44 -5.58 -11.96
C ILE A 156 4.72 -5.91 -13.26
N SER A 157 5.05 -5.18 -14.33
CA SER A 157 4.47 -5.45 -15.63
C SER A 157 4.52 -6.93 -16.01
N ASP A 158 5.53 -7.63 -15.53
CA ASP A 158 5.74 -9.01 -15.94
C ASP A 158 5.18 -10.06 -14.98
N SER A 159 4.91 -9.68 -13.75
CA SER A 159 4.31 -10.59 -12.77
C SER A 159 3.06 -9.95 -12.18
N CYS A 160 2.28 -9.30 -13.04
CA CYS A 160 1.22 -8.41 -12.60
C CYS A 160 0.15 -9.11 -11.79
N ILE A 161 -0.35 -10.22 -12.31
CA ILE A 161 -1.46 -10.89 -11.69
C ILE A 161 -1.11 -11.32 -10.26
N ASP A 162 0.00 -12.03 -10.10
CA ASP A 162 0.38 -12.51 -8.76
C ASP A 162 0.78 -11.39 -7.82
N ILE A 163 1.32 -10.31 -8.35
CA ILE A 163 1.71 -9.18 -7.49
C ILE A 163 0.49 -8.37 -7.08
N ALA A 164 -0.43 -8.17 -8.01
CA ALA A 164 -1.69 -7.51 -7.74
C ALA A 164 -2.56 -8.29 -6.73
N THR A 165 -2.52 -9.61 -6.82
CA THR A 165 -3.36 -10.44 -5.96
C THR A 165 -2.63 -10.91 -4.69
N HIS A 166 -1.53 -10.25 -4.36
CA HIS A 166 -0.75 -10.65 -3.20
C HIS A 166 -1.02 -9.71 -2.03
N ARG A 167 -1.02 -10.26 -0.81
CA ARG A 167 -1.29 -9.45 0.39
C ARG A 167 -0.42 -8.20 0.45
N HIS A 168 0.85 -8.34 0.09
CA HIS A 168 1.79 -7.24 0.17
C HIS A 168 2.02 -6.61 -1.19
N GLY A 169 2.06 -7.42 -2.24
CA GLY A 169 2.23 -6.92 -3.59
C GLY A 169 1.17 -5.86 -3.88
N CYS A 170 0.01 -6.02 -3.26
CA CYS A 170 -1.08 -5.12 -3.53
C CYS A 170 -0.79 -3.74 -2.93
N CYS A 171 -0.02 -3.71 -1.86
CA CYS A 171 0.34 -2.44 -1.24
C CYS A 171 1.39 -1.70 -2.06
N VAL A 172 2.29 -2.48 -2.66
CA VAL A 172 3.33 -1.94 -3.53
C VAL A 172 2.73 -1.42 -4.83
N LEU A 173 1.76 -2.15 -5.36
CA LEU A 173 0.99 -1.66 -6.50
C LEU A 173 0.32 -0.31 -6.21
N GLN A 174 -0.23 -0.16 -5.04
CA GLN A 174 -0.89 1.10 -4.68
C GLN A 174 0.11 2.25 -4.52
N ARG A 175 1.31 1.93 -4.07
CA ARG A 175 2.35 2.94 -3.96
C ARG A 175 2.79 3.41 -5.36
N CYS A 176 2.75 2.49 -6.33
CA CYS A 176 3.07 2.81 -7.72
C CYS A 176 2.11 3.86 -8.26
N LEU A 177 0.83 3.69 -7.96
CA LEU A 177 -0.19 4.64 -8.42
C LEU A 177 -0.11 5.96 -7.67
N ASP A 178 0.53 5.95 -6.51
CA ASP A 178 0.70 7.16 -5.71
C ASP A 178 1.77 8.07 -6.31
N HIS A 179 2.85 7.47 -6.80
CA HIS A 179 4.05 8.22 -7.14
C HIS A 179 4.43 8.08 -8.60
N GLY A 180 3.82 7.12 -9.27
CA GLY A 180 4.10 6.89 -10.67
C GLY A 180 3.80 8.09 -11.55
N THR A 181 4.68 8.29 -12.54
CA THR A 181 4.42 9.14 -13.70
C THR A 181 3.12 8.75 -14.39
N THR A 182 2.44 9.73 -15.00
CA THR A 182 1.22 9.44 -15.76
C THR A 182 1.42 8.30 -16.76
N GLU A 183 2.54 8.33 -17.46
CA GLU A 183 2.89 7.30 -18.42
C GLU A 183 3.07 5.94 -17.73
N GLN A 184 3.76 5.96 -16.59
CA GLN A 184 3.95 4.75 -15.80
C GLN A 184 2.61 4.21 -15.30
N CYS A 185 1.82 5.08 -14.69
CA CYS A 185 0.54 4.64 -14.12
C CYS A 185 -0.41 4.15 -15.19
N ASP A 186 -0.35 4.76 -16.37
CA ASP A 186 -1.19 4.35 -17.48
C ASP A 186 -0.80 2.96 -17.98
N ASN A 187 0.49 2.76 -18.27
CA ASN A 187 0.92 1.45 -18.72
C ASN A 187 0.58 0.36 -17.70
N LEU A 188 0.63 0.72 -16.42
CA LEU A 188 0.30 -0.21 -15.35
C LEU A 188 -1.21 -0.48 -15.30
N CYS A 189 -2.01 0.56 -15.38
CA CYS A 189 -3.45 0.39 -15.32
C CYS A 189 -3.98 -0.37 -16.53
N ASP A 190 -3.34 -0.17 -17.69
CA ASP A 190 -3.67 -0.97 -18.87
C ASP A 190 -3.58 -2.46 -18.55
N LYS A 191 -2.44 -2.87 -17.99
CA LYS A 191 -2.25 -4.27 -17.61
C LYS A 191 -3.29 -4.75 -16.59
N LEU A 192 -3.48 -3.93 -15.56
CA LEU A 192 -4.49 -4.21 -14.53
C LEU A 192 -5.89 -4.33 -15.12
N LEU A 193 -6.21 -3.46 -16.08
CA LEU A 193 -7.53 -3.42 -16.69
C LEU A 193 -7.80 -4.67 -17.52
N ALA A 194 -6.74 -5.20 -18.10
CA ALA A 194 -6.84 -6.48 -18.80
C ALA A 194 -7.14 -7.62 -17.82
N LEU A 195 -7.05 -7.35 -16.52
CA LEU A 195 -7.21 -8.39 -15.51
C LEU A 195 -8.31 -8.05 -14.52
N VAL A 196 -9.13 -7.06 -14.86
CA VAL A 196 -10.12 -6.56 -13.91
C VAL A 196 -11.11 -7.63 -13.43
N ASP A 197 -11.43 -8.60 -14.27
CA ASP A 197 -12.32 -9.69 -13.87
C ASP A 197 -11.75 -10.44 -12.66
N LYS A 198 -10.54 -10.98 -12.82
CA LYS A 198 -9.85 -11.72 -11.78
C LYS A 198 -9.66 -10.91 -10.49
N LEU A 199 -9.15 -9.70 -10.65
CA LEU A 199 -8.82 -8.85 -9.51
C LEU A 199 -10.03 -8.51 -8.64
N THR A 200 -11.16 -8.31 -9.29
CA THR A 200 -12.37 -7.85 -8.61
C THR A 200 -12.83 -8.88 -7.58
N LEU A 201 -12.69 -10.16 -7.92
CA LEU A 201 -13.12 -11.26 -7.07
C LEU A 201 -12.05 -11.66 -6.07
N ASP A 202 -10.89 -11.03 -6.17
CA ASP A 202 -9.76 -11.41 -5.36
C ASP A 202 -9.72 -10.68 -4.02
N PRO A 203 -9.32 -11.39 -2.95
CA PRO A 203 -9.17 -10.83 -1.60
C PRO A 203 -8.35 -9.55 -1.61
N PHE A 204 -7.25 -9.56 -2.35
CA PHE A 204 -6.36 -8.42 -2.38
C PHE A 204 -6.45 -7.58 -3.66
N GLY A 205 -6.77 -8.22 -4.77
CA GLY A 205 -6.90 -7.54 -6.05
C GLY A 205 -8.01 -6.53 -6.04
N ASN A 206 -9.09 -6.80 -5.32
CA ASN A 206 -10.21 -5.89 -5.31
C ASN A 206 -9.82 -4.53 -4.76
N TYR A 207 -8.81 -4.48 -3.90
CA TYR A 207 -8.37 -3.21 -3.37
C TYR A 207 -7.59 -2.38 -4.39
N VAL A 208 -6.83 -3.06 -5.25
CA VAL A 208 -6.14 -2.38 -6.35
C VAL A 208 -7.14 -1.76 -7.32
N VAL A 209 -8.19 -2.50 -7.65
CA VAL A 209 -9.21 -2.00 -8.55
C VAL A 209 -9.90 -0.78 -7.95
N GLN A 210 -10.13 -0.81 -6.65
CA GLN A 210 -10.72 0.34 -5.96
C GLN A 210 -9.77 1.54 -5.96
N TYR A 211 -8.48 1.27 -5.80
CA TYR A 211 -7.52 2.33 -5.60
C TYR A 211 -7.39 3.18 -6.87
N ILE A 212 -7.51 2.53 -8.02
CA ILE A 212 -7.45 3.24 -9.29
C ILE A 212 -8.52 4.31 -9.29
N ILE A 213 -9.71 3.94 -8.84
CA ILE A 213 -10.84 4.86 -8.81
C ILE A 213 -10.63 5.94 -7.77
N THR A 214 -10.22 5.52 -6.58
CA THR A 214 -9.83 6.45 -5.53
C THR A 214 -8.92 7.56 -6.02
N LYS A 215 -7.90 7.16 -6.77
CA LYS A 215 -6.87 8.05 -7.24
C LYS A 215 -7.42 9.01 -8.29
N GLU A 216 -8.11 8.46 -9.27
CA GLU A 216 -8.75 9.28 -10.28
C GLU A 216 -9.75 10.26 -9.69
N ALA A 217 -10.46 9.83 -8.66
CA ALA A 217 -11.43 10.70 -8.00
C ALA A 217 -10.73 11.84 -7.28
N GLU A 218 -9.54 11.57 -6.74
CA GLU A 218 -8.74 12.60 -6.10
C GLU A 218 -8.53 13.76 -7.06
N LYS A 219 -8.18 13.42 -8.30
CA LYS A 219 -7.76 14.41 -9.29
C LYS A 219 -8.94 15.02 -10.05
N ASN A 220 -10.10 14.38 -9.94
CA ASN A 220 -11.27 14.83 -10.71
C ASN A 220 -11.06 14.66 -12.21
N LYS A 221 -10.20 13.73 -12.57
CA LYS A 221 -9.93 13.41 -13.97
C LYS A 221 -10.15 11.91 -14.16
N TYR A 222 -11.15 11.54 -14.95
CA TYR A 222 -11.57 10.14 -15.03
C TYR A 222 -11.24 9.46 -16.35
N ASP A 223 -10.50 8.36 -16.24
CA ASP A 223 -10.10 7.58 -17.41
C ASP A 223 -10.39 6.10 -17.15
N TYR A 224 -9.60 5.48 -16.27
CA TYR A 224 -9.73 4.04 -16.01
C TYR A 224 -10.99 3.74 -15.21
N THR A 225 -11.45 4.72 -14.43
CA THR A 225 -12.69 4.56 -13.72
C THR A 225 -13.77 4.17 -14.72
N HIS A 226 -13.88 4.93 -15.80
CA HIS A 226 -14.92 4.67 -16.79
C HIS A 226 -14.73 3.31 -17.45
N LYS A 227 -13.48 2.96 -17.73
CA LYS A 227 -13.21 1.68 -18.39
C LYS A 227 -13.53 0.47 -17.47
N ILE A 228 -13.27 0.64 -16.17
CA ILE A 228 -13.62 -0.38 -15.19
C ILE A 228 -15.14 -0.53 -15.10
N VAL A 229 -15.83 0.58 -14.89
CA VAL A 229 -17.27 0.56 -14.79
C VAL A 229 -17.87 -0.15 -16.01
N HIS A 230 -17.38 0.22 -17.18
CA HIS A 230 -17.86 -0.41 -18.41
C HIS A 230 -17.73 -1.93 -18.41
N LEU A 231 -16.70 -2.46 -17.77
CA LEU A 231 -16.46 -3.91 -17.76
C LEU A 231 -17.26 -4.64 -16.68
N LEU A 232 -17.48 -3.99 -15.55
CA LEU A 232 -18.11 -4.66 -14.41
C LEU A 232 -19.62 -4.41 -14.28
N LYS A 233 -20.09 -3.31 -14.85
CA LYS A 233 -21.51 -2.97 -14.73
C LYS A 233 -22.43 -4.13 -15.15
N PRO A 234 -22.13 -4.79 -16.28
CA PRO A 234 -22.94 -5.91 -16.76
C PRO A 234 -23.06 -7.07 -15.76
N ARG A 235 -22.40 -6.96 -14.62
CA ARG A 235 -22.40 -8.04 -13.65
C ARG A 235 -22.74 -7.47 -12.28
N ALA A 236 -23.35 -6.29 -12.29
CA ALA A 236 -23.60 -5.53 -11.08
C ALA A 236 -24.16 -6.38 -9.94
N ILE A 237 -25.19 -7.16 -10.25
CA ILE A 237 -25.82 -8.02 -9.25
C ILE A 237 -24.88 -9.13 -8.84
N GLU A 238 -24.31 -9.82 -9.83
CA GLU A 238 -23.46 -10.95 -9.56
C GLU A 238 -22.31 -10.57 -8.61
N LEU A 239 -21.69 -9.42 -8.86
CA LEU A 239 -20.60 -8.93 -8.05
C LEU A 239 -21.10 -8.32 -6.74
N SER A 240 -22.36 -7.91 -6.71
CA SER A 240 -22.93 -7.31 -5.50
C SER A 240 -23.11 -8.34 -4.39
N ILE A 241 -23.13 -9.62 -4.76
CA ILE A 241 -23.34 -10.67 -3.77
C ILE A 241 -22.07 -11.50 -3.61
N HIS A 242 -20.94 -10.89 -3.95
CA HIS A 242 -19.64 -11.51 -3.85
C HIS A 242 -18.84 -10.87 -2.72
N LYS A 243 -18.23 -11.70 -1.89
CA LYS A 243 -17.43 -11.25 -0.75
C LYS A 243 -16.52 -10.06 -1.08
N PHE A 244 -15.85 -10.14 -2.22
CA PHE A 244 -14.85 -9.14 -2.59
C PHE A 244 -15.28 -8.27 -3.75
N GLY A 245 -15.99 -8.85 -4.71
CA GLY A 245 -16.52 -8.08 -5.82
C GLY A 245 -17.40 -6.94 -5.36
N SER A 246 -18.13 -7.17 -4.27
CA SER A 246 -19.04 -6.17 -3.73
C SER A 246 -18.32 -4.92 -3.21
N ASN A 247 -17.04 -5.07 -2.89
CA ASN A 247 -16.22 -3.94 -2.44
C ASN A 247 -16.07 -2.94 -3.55
N VAL A 248 -15.90 -3.46 -4.76
CA VAL A 248 -15.76 -2.65 -5.94
C VAL A 248 -17.10 -2.01 -6.33
N ILE A 249 -18.17 -2.79 -6.31
CA ILE A 249 -19.48 -2.23 -6.65
C ILE A 249 -19.78 -1.03 -5.74
N GLU A 250 -19.62 -1.22 -4.44
CA GLU A 250 -19.76 -0.14 -3.45
C GLU A 250 -18.84 1.06 -3.73
N LYS A 251 -17.62 0.76 -4.15
CA LYS A 251 -16.66 1.81 -4.44
C LYS A 251 -17.21 2.71 -5.55
N ILE A 252 -17.73 2.07 -6.59
CA ILE A 252 -18.37 2.76 -7.70
C ILE A 252 -19.65 3.49 -7.27
N LEU A 253 -20.47 2.83 -6.46
CA LEU A 253 -21.69 3.47 -5.94
C LEU A 253 -21.36 4.71 -5.14
N LYS A 254 -20.14 4.78 -4.62
CA LYS A 254 -19.70 5.91 -3.80
C LYS A 254 -18.84 6.89 -4.58
N THR A 255 -18.70 6.66 -5.87
CA THR A 255 -18.00 7.60 -6.73
C THR A 255 -19.00 8.41 -7.56
N ALA A 256 -19.28 9.63 -7.11
CA ALA A 256 -20.41 10.41 -7.62
C ALA A 256 -20.67 10.31 -9.12
N ILE A 257 -19.63 10.46 -9.94
CA ILE A 257 -19.84 10.50 -11.40
C ILE A 257 -20.17 9.16 -12.02
N VAL A 258 -20.08 8.08 -11.26
CA VAL A 258 -20.44 6.77 -11.80
C VAL A 258 -21.52 6.10 -10.98
N SER A 259 -21.92 6.75 -9.88
CA SER A 259 -22.98 6.23 -9.02
C SER A 259 -24.18 5.74 -9.83
N GLU A 260 -24.73 6.66 -10.63
CA GLU A 260 -26.06 6.48 -11.17
C GLU A 260 -26.19 5.42 -12.29
N PRO A 261 -25.21 5.35 -13.19
CA PRO A 261 -25.21 4.22 -14.14
C PRO A 261 -25.28 2.86 -13.43
N MET A 262 -24.54 2.72 -12.34
CA MET A 262 -24.52 1.47 -11.58
C MET A 262 -25.86 1.21 -10.91
N ILE A 263 -26.38 2.23 -10.23
CA ILE A 263 -27.68 2.14 -9.59
C ILE A 263 -28.73 1.77 -10.62
N LEU A 264 -28.58 2.32 -11.82
CA LEU A 264 -29.47 2.03 -12.94
C LEU A 264 -29.44 0.58 -13.35
N GLU A 265 -28.24 0.03 -13.48
CA GLU A 265 -28.07 -1.37 -13.85
C GLU A 265 -28.76 -2.26 -12.83
N ILE A 266 -28.49 -1.99 -11.56
CA ILE A 266 -29.15 -2.70 -10.47
C ILE A 266 -30.68 -2.60 -10.57
N LEU A 267 -31.18 -1.41 -10.90
CA LEU A 267 -32.62 -1.21 -11.09
C LEU A 267 -33.19 -1.93 -12.30
N ASN A 268 -32.46 -1.94 -13.40
CA ASN A 268 -32.99 -2.44 -14.66
C ASN A 268 -32.72 -3.91 -14.96
N ASN A 269 -31.46 -4.31 -14.96
CA ASN A 269 -31.11 -5.71 -15.21
C ASN A 269 -31.16 -6.59 -13.94
N GLY A 270 -31.38 -5.95 -12.79
CA GLY A 270 -31.58 -6.67 -11.55
C GLY A 270 -33.05 -6.89 -11.27
N GLY A 271 -33.82 -5.81 -11.30
CA GLY A 271 -35.26 -5.88 -11.05
C GLY A 271 -35.57 -6.39 -9.66
N GLU A 272 -36.82 -6.82 -9.46
CA GLU A 272 -37.23 -7.29 -8.13
C GLU A 272 -36.46 -8.54 -7.72
N THR A 273 -36.17 -9.41 -8.68
CA THR A 273 -35.39 -10.61 -8.40
C THR A 273 -33.97 -10.26 -7.91
N GLY A 274 -33.25 -9.45 -8.68
CA GLY A 274 -31.93 -9.04 -8.29
C GLY A 274 -31.93 -8.28 -6.96
N ILE A 275 -32.86 -7.35 -6.84
CA ILE A 275 -32.94 -6.56 -5.61
C ILE A 275 -33.28 -7.44 -4.42
N GLN A 276 -34.15 -8.41 -4.62
CA GLN A 276 -34.50 -9.34 -3.55
C GLN A 276 -33.28 -10.18 -3.19
N SER A 277 -32.46 -10.48 -4.19
CA SER A 277 -31.21 -11.18 -3.97
C SER A 277 -30.29 -10.35 -3.08
N LEU A 278 -30.19 -9.06 -3.37
CA LEU A 278 -29.39 -8.15 -2.54
C LEU A 278 -29.93 -8.07 -1.12
N LEU A 279 -31.21 -7.73 -1.01
CA LEU A 279 -31.85 -7.63 0.30
C LEU A 279 -31.50 -8.84 1.17
N ASN A 280 -31.33 -9.99 0.54
CA ASN A 280 -31.24 -11.26 1.25
C ASN A 280 -29.85 -11.87 1.35
N ASP A 281 -28.87 -11.12 0.87
CA ASP A 281 -27.51 -11.62 0.83
C ASP A 281 -26.65 -11.03 1.94
N SER A 282 -25.73 -11.85 2.44
CA SER A 282 -24.79 -11.45 3.47
C SER A 282 -24.01 -10.20 3.04
N TYR A 283 -23.85 -10.01 1.74
CA TYR A 283 -22.99 -8.96 1.20
C TYR A 283 -23.80 -7.88 0.47
N GLY A 284 -24.61 -8.31 -0.50
CA GLY A 284 -25.45 -7.42 -1.27
C GLY A 284 -26.41 -6.57 -0.45
N ASN A 285 -26.76 -7.03 0.74
CA ASN A 285 -27.54 -6.20 1.64
C ASN A 285 -26.91 -4.83 1.82
N TYR A 286 -25.65 -4.80 2.24
CA TYR A 286 -24.92 -3.55 2.44
C TYR A 286 -24.83 -2.71 1.17
N VAL A 287 -24.63 -3.38 0.05
CA VAL A 287 -24.62 -2.75 -1.27
C VAL A 287 -25.97 -2.14 -1.56
N LEU A 288 -27.03 -2.87 -1.21
CA LEU A 288 -28.38 -2.38 -1.37
C LEU A 288 -28.58 -1.13 -0.54
N GLN A 289 -28.04 -1.15 0.68
CA GLN A 289 -28.19 -0.03 1.59
C GLN A 289 -27.41 1.15 1.09
N THR A 290 -26.27 0.88 0.46
CA THR A 290 -25.50 1.94 -0.16
C THR A 290 -26.29 2.55 -1.30
N ALA A 291 -26.94 1.70 -2.09
CA ALA A 291 -27.70 2.13 -3.25
C ALA A 291 -28.79 3.11 -2.85
N LEU A 292 -29.53 2.76 -1.81
CA LEU A 292 -30.56 3.62 -1.26
C LEU A 292 -29.99 4.92 -0.70
N ASP A 293 -28.87 4.82 0.02
CA ASP A 293 -28.27 5.97 0.66
C ASP A 293 -27.80 6.97 -0.39
N ILE A 294 -27.03 6.50 -1.36
CA ILE A 294 -26.57 7.35 -2.45
C ILE A 294 -27.75 7.96 -3.22
N SER A 295 -28.66 7.10 -3.69
CA SER A 295 -29.77 7.55 -4.51
C SER A 295 -30.65 8.60 -3.81
N HIS A 296 -30.85 8.43 -2.51
CA HIS A 296 -31.59 9.43 -1.72
C HIS A 296 -30.92 10.79 -1.76
N LYS A 297 -29.59 10.80 -1.81
CA LYS A 297 -28.84 12.04 -1.81
C LYS A 297 -28.74 12.66 -3.21
N GLN A 298 -28.57 11.81 -4.21
CA GLN A 298 -28.22 12.29 -5.55
C GLN A 298 -29.38 12.35 -6.53
N ASN A 299 -30.39 11.51 -6.32
CA ASN A 299 -31.41 11.38 -7.34
C ASN A 299 -32.75 10.81 -6.83
N ASP A 300 -33.70 11.71 -6.58
CA ASP A 300 -35.01 11.35 -6.06
C ASP A 300 -35.75 10.35 -6.94
N TYR A 301 -35.58 10.47 -8.24
CA TYR A 301 -36.26 9.57 -9.16
C TYR A 301 -35.75 8.14 -8.98
N LEU A 302 -34.45 8.00 -8.74
CA LEU A 302 -33.86 6.68 -8.55
C LEU A 302 -34.20 6.13 -7.17
N TYR A 303 -34.16 6.99 -6.15
CA TYR A 303 -34.45 6.59 -4.78
C TYR A 303 -35.87 6.05 -4.62
N LYS A 304 -36.83 6.82 -5.13
CA LYS A 304 -38.22 6.42 -5.11
C LYS A 304 -38.39 5.14 -5.92
N ARG A 305 -37.66 5.03 -7.02
CA ARG A 305 -37.72 3.83 -7.83
C ARG A 305 -37.21 2.59 -7.07
N LEU A 306 -36.07 2.72 -6.44
CA LEU A 306 -35.54 1.67 -5.58
C LEU A 306 -36.50 1.36 -4.42
N SER A 307 -36.94 2.40 -3.73
CA SER A 307 -37.84 2.24 -2.60
C SER A 307 -39.05 1.38 -2.94
N GLU A 308 -39.65 1.60 -4.09
CA GLU A 308 -40.91 0.94 -4.38
C GLU A 308 -40.78 -0.54 -4.71
N ILE A 309 -39.57 -0.96 -5.08
CA ILE A 309 -39.28 -2.38 -5.25
C ILE A 309 -38.88 -3.04 -3.94
N VAL A 310 -38.16 -2.28 -3.12
CA VAL A 310 -37.68 -2.79 -1.83
C VAL A 310 -38.78 -2.95 -0.79
N ALA A 311 -39.66 -1.95 -0.68
CA ALA A 311 -40.63 -1.92 0.41
C ALA A 311 -41.64 -3.09 0.44
N PRO A 312 -42.06 -3.57 -0.75
CA PRO A 312 -42.92 -4.75 -0.81
C PRO A 312 -42.24 -6.00 -0.24
N LEU A 313 -40.92 -5.99 -0.24
CA LEU A 313 -40.15 -7.16 0.17
C LEU A 313 -39.93 -7.18 1.67
N LEU A 314 -40.06 -6.02 2.29
CA LEU A 314 -39.80 -5.91 3.73
C LEU A 314 -41.02 -6.27 4.57
N VAL A 315 -41.37 -7.55 4.58
CA VAL A 315 -42.50 -8.02 5.36
C VAL A 315 -42.22 -9.38 6.02
N GLY A 316 -42.81 -9.58 7.19
CA GLY A 316 -42.65 -10.83 7.91
C GLY A 316 -41.28 -10.96 8.55
N PRO A 317 -40.58 -12.06 8.25
CA PRO A 317 -39.30 -12.46 8.83
C PRO A 317 -38.23 -11.37 8.72
N ILE A 318 -37.92 -10.96 7.49
CA ILE A 318 -36.85 -10.00 7.24
C ILE A 318 -36.99 -8.80 8.15
N ARG A 319 -38.22 -8.42 8.44
CA ARG A 319 -38.48 -7.20 9.22
C ARG A 319 -37.87 -7.21 10.62
N ASN A 320 -37.63 -8.41 11.14
CA ASN A 320 -37.18 -8.56 12.51
C ASN A 320 -35.71 -8.94 12.61
N THR A 321 -35.13 -9.28 11.46
CA THR A 321 -33.71 -9.55 11.38
C THR A 321 -32.93 -8.25 11.34
N PRO A 322 -31.69 -8.28 11.83
CA PRO A 322 -30.79 -7.12 11.78
C PRO A 322 -30.64 -6.53 10.38
N HIS A 323 -30.48 -7.39 9.38
CA HIS A 323 -30.28 -6.92 8.01
C HIS A 323 -31.55 -6.34 7.39
N GLY A 324 -32.68 -6.95 7.71
CA GLY A 324 -33.97 -6.39 7.32
C GLY A 324 -34.14 -5.00 7.91
N LYS A 325 -33.91 -4.88 9.22
CA LYS A 325 -34.05 -3.58 9.90
C LYS A 325 -33.12 -2.51 9.32
N ARG A 326 -32.02 -2.94 8.70
CA ARG A 326 -31.05 -2.01 8.16
C ARG A 326 -31.64 -1.27 6.96
N ILE A 327 -32.23 -2.04 6.06
CA ILE A 327 -32.83 -1.50 4.84
C ILE A 327 -34.08 -0.68 5.15
N ILE A 328 -34.83 -1.13 6.15
CA ILE A 328 -36.01 -0.42 6.60
C ILE A 328 -35.62 1.02 6.97
N GLY A 329 -34.39 1.16 7.47
CA GLY A 329 -33.89 2.44 7.92
C GLY A 329 -33.60 3.37 6.76
N MET A 330 -33.45 2.81 5.58
CA MET A 330 -33.07 3.61 4.41
C MET A 330 -34.29 3.99 3.59
N LEU A 331 -35.47 3.67 4.09
CA LEU A 331 -36.66 3.63 3.23
C LEU A 331 -37.48 4.90 3.01
N HIS A 332 -37.64 5.74 4.02
CA HIS A 332 -38.52 6.89 3.83
C HIS A 332 -37.83 8.24 3.90
N LEU A 333 -36.74 8.30 4.67
CA LEU A 333 -35.84 9.44 4.72
C LEU A 333 -36.44 10.74 4.17
#